data_7KYJ
#
_entry.id   7KYJ
#
_cell.length_a   36.423
_cell.length_b   43.801
_cell.length_c   60.793
_cell.angle_alpha   98.050
_cell.angle_beta   109.510
_cell.angle_gamma   90.100
#
_symmetry.space_group_name_H-M   'P 1'
#
loop_
_entity.id
_entity.type
_entity.pdbx_description
1 polymer 'Acetyltransferase PA3944'
2 non-polymer 'ACETATE ION'
3 non-polymer 'ZINC ION'
4 non-polymer 'COENZYME A'
5 non-polymer 'UNKNOWN ATOM OR ION'
6 non-polymer 1,2-ETHANEDIOL
7 water water
#
_entity_poly.entity_id   1
_entity_poly.type   'polypeptide(L)'
_entity_poly.pdbx_seq_one_letter_code
;GHMNANLPPSAISELHGPRLLLRAWRDSDREAFAEMCADPQVMEFFPSVLDRAQSDALVDRVQAHFAERGYGPWALELPG
EAAFIGFTGLFDVTMDVHFAPTVEIGWRLAPAYWGRGLAREAAETALDFAFERLRLPEVVAFTTPPNRRSWGLMERLGMR
RDPAEDFDHPLLAADHPMRRHILYRVDAARWAER
;
_entity_poly.pdbx_strand_id   A,B
#
loop_
_chem_comp.id
_chem_comp.type
_chem_comp.name
_chem_comp.formula
ACT non-polymer 'ACETATE ION' 'C2 H3 O2 -1'
COA non-polymer 'COENZYME A' 'C21 H36 N7 O16 P3 S'
EDO non-polymer 1,2-ETHANEDIOL 'C2 H6 O2'
UNX non-polymer 'UNKNOWN ATOM OR ION' ?
ZN non-polymer 'ZINC ION' 'Zn 2'
#
# COMPACT_ATOMS: atom_id res chain seq x y z
N SER A 10 3.89 7.80 -23.52
CA SER A 10 4.70 7.96 -22.28
C SER A 10 6.17 8.19 -22.65
N ALA A 11 6.79 7.18 -23.24
CA ALA A 11 8.20 7.19 -23.72
C ALA A 11 9.13 7.43 -22.53
N ILE A 12 9.25 6.42 -21.65
CA ILE A 12 10.11 6.43 -20.42
C ILE A 12 11.58 6.57 -20.83
N SER A 13 12.24 7.64 -20.35
CA SER A 13 13.65 7.96 -20.67
C SER A 13 14.58 6.93 -19.99
N GLU A 14 15.56 6.42 -20.73
CA GLU A 14 16.58 5.47 -20.21
C GLU A 14 17.75 6.26 -19.60
N LEU A 15 18.36 5.74 -18.53
CA LEU A 15 19.56 6.33 -17.87
C LEU A 15 20.76 5.42 -18.12
N HIS A 16 21.94 6.01 -18.37
CA HIS A 16 23.18 5.29 -18.77
C HIS A 16 24.26 5.54 -17.73
N GLY A 17 24.92 4.47 -17.27
CA GLY A 17 26.22 4.54 -16.58
C GLY A 17 27.35 4.03 -17.46
N PRO A 18 28.59 3.94 -16.94
CA PRO A 18 29.70 3.32 -17.66
C PRO A 18 29.37 1.91 -18.18
N ARG A 19 28.74 1.09 -17.34
CA ARG A 19 28.48 -0.34 -17.62
C ARG A 19 26.98 -0.59 -17.73
N LEU A 20 26.16 0.15 -16.99
CA LEU A 20 24.73 -0.19 -16.83
C LEU A 20 23.85 0.68 -17.73
N LEU A 21 22.75 0.08 -18.19
CA LEU A 21 21.60 0.76 -18.80
C LEU A 21 20.40 0.59 -17.85
N LEU A 22 19.89 1.70 -17.32
CA LEU A 22 18.65 1.72 -16.50
C LEU A 22 17.48 2.02 -17.44
N ARG A 23 16.60 1.04 -17.65
CA ARG A 23 15.53 1.14 -18.67
C ARG A 23 14.20 0.72 -18.08
N ALA A 24 13.13 1.03 -18.78
CA ALA A 24 11.77 0.51 -18.53
C ALA A 24 11.83 -1.02 -18.63
N TRP A 25 10.98 -1.67 -17.87
CA TRP A 25 10.81 -3.15 -17.85
C TRP A 25 10.23 -3.63 -19.18
N ARG A 26 10.54 -4.88 -19.55
CA ARG A 26 10.02 -5.58 -20.75
C ARG A 26 9.40 -6.90 -20.29
N ASP A 27 8.57 -7.52 -21.12
CA ASP A 27 7.96 -8.83 -20.83
C ASP A 27 9.08 -9.83 -20.51
N SER A 28 10.12 -9.86 -21.35
CA SER A 28 11.28 -10.79 -21.25
C SER A 28 11.92 -10.73 -19.85
N ASP A 29 11.85 -9.56 -19.19
CA ASP A 29 12.42 -9.34 -17.83
C ASP A 29 11.72 -10.23 -16.79
N ARG A 30 10.41 -10.50 -16.98
CA ARG A 30 9.57 -11.12 -15.92
C ARG A 30 10.13 -12.51 -15.55
N GLU A 31 10.59 -13.30 -16.52
CA GLU A 31 11.18 -14.65 -16.28
C GLU A 31 12.40 -14.51 -15.37
N ALA A 32 13.33 -13.63 -15.73
CA ALA A 32 14.64 -13.41 -15.05
C ALA A 32 14.39 -12.87 -13.65
N PHE A 33 13.44 -11.95 -13.52
CA PHE A 33 13.11 -11.30 -12.22
C PHE A 33 12.43 -12.33 -11.30
N ALA A 34 11.58 -13.20 -11.85
CA ALA A 34 10.85 -14.25 -11.08
C ALA A 34 11.87 -15.20 -10.40
N GLU A 35 12.94 -15.61 -11.08
CA GLU A 35 13.93 -16.53 -10.47
C GLU A 35 14.75 -15.79 -9.42
N MET A 36 14.91 -14.47 -9.58
CA MET A 36 15.55 -13.60 -8.55
C MET A 36 14.67 -13.56 -7.30
N CYS A 37 13.36 -13.41 -7.49
CA CYS A 37 12.36 -13.30 -6.41
C CYS A 37 12.18 -14.65 -5.70
N ALA A 38 12.54 -15.74 -6.37
CA ALA A 38 12.47 -17.13 -5.85
C ALA A 38 13.81 -17.53 -5.24
N ASP A 39 14.84 -16.70 -5.38
CA ASP A 39 16.22 -17.00 -4.91
C ASP A 39 16.33 -16.62 -3.42
N PRO A 40 16.54 -17.60 -2.52
CA PRO A 40 16.63 -17.32 -1.09
C PRO A 40 17.82 -16.44 -0.70
N GLN A 41 18.89 -16.41 -1.52
CA GLN A 41 20.05 -15.51 -1.28
C GLN A 41 19.66 -14.06 -1.59
N VAL A 42 18.85 -13.84 -2.64
CA VAL A 42 18.34 -12.49 -3.03
C VAL A 42 17.33 -12.00 -1.98
N MET A 43 16.47 -12.89 -1.52
CA MET A 43 15.30 -12.56 -0.66
C MET A 43 15.59 -12.82 0.83
N GLU A 44 16.86 -12.99 1.21
CA GLU A 44 17.28 -13.44 2.55
C GLU A 44 16.70 -12.53 3.65
N PHE A 45 16.74 -11.21 3.47
CA PHE A 45 16.39 -10.23 4.54
C PHE A 45 14.96 -9.72 4.35
N PHE A 46 14.26 -10.25 3.35
CA PHE A 46 12.82 -9.98 3.09
C PHE A 46 12.00 -11.02 3.85
N PRO A 47 10.70 -10.75 4.12
CA PRO A 47 9.85 -11.71 4.83
C PRO A 47 9.87 -13.15 4.27
N SER A 48 9.95 -13.29 2.94
CA SER A 48 9.93 -14.61 2.24
C SER A 48 10.35 -14.45 0.78
N VAL A 49 10.60 -15.57 0.10
CA VAL A 49 10.72 -15.66 -1.38
C VAL A 49 9.33 -15.42 -2.00
N LEU A 50 9.28 -15.04 -3.28
CA LEU A 50 8.02 -14.80 -4.01
C LEU A 50 7.84 -15.87 -5.08
N ASP A 51 6.58 -16.30 -5.30
CA ASP A 51 6.18 -17.16 -6.44
C ASP A 51 6.07 -16.27 -7.68
N ARG A 52 5.83 -16.86 -8.86
CA ARG A 52 5.74 -16.13 -10.16
C ARG A 52 4.66 -15.05 -10.08
N ALA A 53 3.46 -15.39 -9.61
CA ALA A 53 2.29 -14.47 -9.49
C ALA A 53 2.68 -13.23 -8.67
N GLN A 54 3.31 -13.43 -7.52
CA GLN A 54 3.77 -12.34 -6.62
C GLN A 54 4.81 -11.46 -7.32
N SER A 55 5.77 -12.07 -8.02
CA SER A 55 6.86 -11.36 -8.75
CA SER A 55 6.85 -11.34 -8.74
C SER A 55 6.23 -10.49 -9.86
N ASP A 56 5.20 -11.01 -10.51
CA ASP A 56 4.50 -10.31 -11.63
C ASP A 56 3.76 -9.09 -11.06
N ALA A 57 3.08 -9.26 -9.93
CA ALA A 57 2.42 -8.18 -9.17
C ALA A 57 3.40 -7.03 -8.90
N LEU A 58 4.62 -7.37 -8.45
N LEU A 58 4.62 -7.37 -8.45
CA LEU A 58 5.68 -6.38 -8.15
CA LEU A 58 5.69 -6.38 -8.15
C LEU A 58 6.01 -5.58 -9.41
C LEU A 58 6.01 -5.58 -9.41
N VAL A 59 6.12 -6.28 -10.55
CA VAL A 59 6.48 -5.66 -11.87
C VAL A 59 5.32 -4.75 -12.31
N ASP A 60 4.07 -5.19 -12.11
CA ASP A 60 2.87 -4.40 -12.44
C ASP A 60 2.92 -3.07 -11.67
N ARG A 61 3.23 -3.12 -10.36
CA ARG A 61 3.37 -1.93 -9.48
C ARG A 61 4.45 -1.00 -10.05
N VAL A 62 5.57 -1.57 -10.49
CA VAL A 62 6.70 -0.81 -11.09
C VAL A 62 6.21 -0.09 -12.36
N GLN A 63 5.53 -0.81 -13.27
CA GLN A 63 5.06 -0.24 -14.55
C GLN A 63 4.07 0.90 -14.26
N ALA A 64 3.14 0.67 -13.33
CA ALA A 64 2.15 1.67 -12.85
C ALA A 64 2.88 2.88 -12.27
N HIS A 65 3.96 2.67 -11.52
CA HIS A 65 4.76 3.80 -10.96
C HIS A 65 5.35 4.61 -12.12
N PHE A 66 5.94 3.96 -13.12
CA PHE A 66 6.52 4.61 -14.32
C PHE A 66 5.43 5.35 -15.11
N ALA A 67 4.23 4.78 -15.24
CA ALA A 67 3.09 5.39 -15.95
C ALA A 67 2.71 6.71 -15.28
N GLU A 68 2.59 6.70 -13.94
CA GLU A 68 2.10 7.86 -13.15
C GLU A 68 3.21 8.92 -13.00
N ARG A 69 4.46 8.51 -12.77
CA ARG A 69 5.54 9.41 -12.25
C ARG A 69 6.62 9.68 -13.30
N GLY A 70 6.77 8.81 -14.30
CA GLY A 70 7.80 8.91 -15.35
C GLY A 70 9.16 8.44 -14.87
N TYR A 71 9.26 8.02 -13.61
CA TYR A 71 10.45 7.32 -13.05
C TYR A 71 9.98 6.15 -12.20
N GLY A 72 10.90 5.31 -11.77
CA GLY A 72 10.59 4.07 -11.02
C GLY A 72 11.87 3.31 -10.73
N PRO A 73 11.78 2.07 -10.21
CA PRO A 73 12.93 1.18 -10.12
C PRO A 73 13.23 0.65 -11.53
N TRP A 74 14.27 1.20 -12.18
CA TRP A 74 14.64 0.81 -13.56
C TRP A 74 15.13 -0.64 -13.56
N ALA A 75 14.78 -1.40 -14.60
CA ALA A 75 15.45 -2.67 -14.95
C ALA A 75 16.92 -2.38 -15.32
N LEU A 76 17.87 -3.14 -14.77
CA LEU A 76 19.33 -2.95 -15.01
C LEU A 76 19.77 -3.87 -16.14
N GLU A 77 20.16 -3.29 -17.25
CA GLU A 77 20.74 -4.01 -18.41
C GLU A 77 22.26 -3.79 -18.31
N LEU A 78 23.01 -4.83 -18.63
CA LEU A 78 24.49 -4.75 -18.72
C LEU A 78 24.87 -4.94 -20.18
N PRO A 79 24.84 -3.89 -21.04
CA PRO A 79 25.15 -4.07 -22.46
C PRO A 79 26.51 -4.74 -22.63
N GLY A 80 26.57 -5.72 -23.53
CA GLY A 80 27.77 -6.53 -23.81
C GLY A 80 27.88 -7.70 -22.85
N GLU A 81 26.91 -7.90 -21.96
CA GLU A 81 26.98 -9.00 -20.95
C GLU A 81 25.61 -9.63 -20.75
N ALA A 82 24.63 -8.91 -20.20
CA ALA A 82 23.30 -9.48 -19.86
C ALA A 82 22.18 -8.46 -20.07
N ALA A 83 21.00 -8.96 -20.43
CA ALA A 83 19.82 -8.13 -20.72
C ALA A 83 19.21 -7.65 -19.40
N PHE A 84 19.25 -8.48 -18.35
CA PHE A 84 18.58 -8.17 -17.06
C PHE A 84 19.38 -8.74 -15.89
N ILE A 85 19.86 -7.88 -15.00
CA ILE A 85 20.60 -8.34 -13.78
C ILE A 85 19.84 -7.89 -12.52
N GLY A 86 18.68 -7.27 -12.69
CA GLY A 86 17.80 -6.86 -11.58
C GLY A 86 17.32 -5.43 -11.78
N PHE A 87 17.04 -4.73 -10.68
CA PHE A 87 16.53 -3.33 -10.73
C PHE A 87 17.30 -2.47 -9.72
N THR A 88 17.33 -1.16 -10.00
CA THR A 88 17.71 -0.09 -9.05
C THR A 88 16.97 1.19 -9.47
N GLY A 89 16.43 1.93 -8.51
CA GLY A 89 15.88 3.26 -8.78
C GLY A 89 14.91 3.71 -7.72
N LEU A 90 14.06 4.66 -8.11
CA LEU A 90 13.37 5.59 -7.20
C LEU A 90 11.88 5.19 -7.13
N PHE A 91 11.33 5.23 -5.93
CA PHE A 91 9.91 4.93 -5.63
C PHE A 91 9.40 6.00 -4.66
N ASP A 92 8.20 6.54 -4.92
CA ASP A 92 7.56 7.55 -4.05
C ASP A 92 7.18 6.85 -2.75
N VAL A 93 7.50 7.46 -1.61
CA VAL A 93 7.08 6.98 -0.27
C VAL A 93 5.80 7.72 0.11
N THR A 94 4.67 7.01 0.13
CA THR A 94 3.34 7.57 0.47
C THR A 94 2.79 6.94 1.75
N MET A 95 3.43 5.86 2.24
CA MET A 95 2.97 5.08 3.43
C MET A 95 3.11 5.95 4.68
N ASP A 96 2.45 5.54 5.78
CA ASP A 96 2.35 6.32 7.04
C ASP A 96 3.63 6.08 7.85
N VAL A 97 4.69 6.82 7.49
CA VAL A 97 6.02 6.83 8.18
C VAL A 97 6.41 8.29 8.45
N HIS A 98 7.31 8.51 9.41
CA HIS A 98 7.71 9.85 9.91
C HIS A 98 8.40 10.67 8.80
N PHE A 99 8.91 10.02 7.76
CA PHE A 99 9.75 10.63 6.69
C PHE A 99 8.97 10.75 5.36
N ALA A 100 7.68 10.40 5.34
CA ALA A 100 6.79 10.58 4.18
C ALA A 100 6.20 11.99 4.21
N PRO A 101 5.84 12.61 3.06
CA PRO A 101 6.13 12.04 1.74
C PRO A 101 7.60 12.30 1.36
N THR A 102 8.17 11.41 0.56
CA THR A 102 9.56 11.53 0.03
C THR A 102 9.73 10.51 -1.10
N VAL A 103 10.96 10.39 -1.59
CA VAL A 103 11.36 9.40 -2.64
C VAL A 103 12.39 8.47 -2.00
N GLU A 104 12.19 7.16 -2.16
CA GLU A 104 13.17 6.13 -1.70
C GLU A 104 13.94 5.61 -2.90
N ILE A 105 15.19 5.20 -2.68
CA ILE A 105 16.00 4.43 -3.65
C ILE A 105 16.06 2.99 -3.14
N GLY A 106 15.93 2.01 -4.03
CA GLY A 106 16.15 0.59 -3.70
C GLY A 106 16.72 -0.19 -4.86
N TRP A 107 17.19 -1.39 -4.57
CA TRP A 107 18.06 -2.19 -5.48
C TRP A 107 17.91 -3.67 -5.14
N ARG A 108 18.06 -4.48 -6.18
CA ARG A 108 17.99 -5.96 -6.12
C ARG A 108 18.79 -6.46 -7.32
N LEU A 109 19.89 -7.15 -7.07
CA LEU A 109 20.76 -7.75 -8.11
C LEU A 109 20.75 -9.26 -7.98
N ALA A 110 20.76 -9.98 -9.09
CA ALA A 110 21.01 -11.43 -9.15
C ALA A 110 22.38 -11.68 -8.49
N PRO A 111 22.53 -12.74 -7.66
CA PRO A 111 23.76 -12.96 -6.88
C PRO A 111 25.06 -13.01 -7.69
N ALA A 112 24.99 -13.44 -8.95
CA ALA A 112 26.17 -13.58 -9.84
C ALA A 112 26.83 -12.22 -10.05
N TYR A 113 26.08 -11.13 -9.87
CA TYR A 113 26.50 -9.75 -10.21
C TYR A 113 26.86 -8.95 -8.95
N TRP A 114 26.88 -9.59 -7.78
CA TRP A 114 27.31 -8.97 -6.49
C TRP A 114 28.85 -8.83 -6.50
N GLY A 115 29.39 -7.85 -5.78
CA GLY A 115 30.83 -7.70 -5.55
C GLY A 115 31.53 -7.03 -6.71
N ARG A 116 30.77 -6.38 -7.61
CA ARG A 116 31.29 -5.79 -8.88
C ARG A 116 31.09 -4.27 -8.93
N GLY A 117 30.45 -3.69 -7.91
CA GLY A 117 30.16 -2.24 -7.87
C GLY A 117 28.98 -1.87 -8.77
N LEU A 118 28.21 -2.86 -9.23
CA LEU A 118 27.11 -2.65 -10.20
C LEU A 118 25.91 -1.99 -9.50
N ALA A 119 25.59 -2.42 -8.28
CA ALA A 119 24.54 -1.77 -7.45
C ALA A 119 24.94 -0.32 -7.16
N ARG A 120 26.22 -0.12 -6.80
CA ARG A 120 26.80 1.22 -6.59
C ARG A 120 26.58 2.08 -7.82
N GLU A 121 26.98 1.58 -9.00
CA GLU A 121 26.94 2.33 -10.28
C GLU A 121 25.48 2.65 -10.62
N ALA A 122 24.60 1.67 -10.53
CA ALA A 122 23.13 1.84 -10.73
C ALA A 122 22.59 2.94 -9.82
N ALA A 123 22.94 2.87 -8.53
CA ALA A 123 22.43 3.78 -7.48
C ALA A 123 22.93 5.20 -7.78
N GLU A 124 24.20 5.35 -8.18
CA GLU A 124 24.81 6.66 -8.50
C GLU A 124 24.08 7.27 -9.71
N THR A 125 23.71 6.44 -10.69
CA THR A 125 22.96 6.85 -11.91
C THR A 125 21.53 7.29 -11.54
N ALA A 126 20.85 6.52 -10.71
CA ALA A 126 19.49 6.84 -10.20
C ALA A 126 19.53 8.14 -9.37
N LEU A 127 20.58 8.37 -8.57
CA LEU A 127 20.66 9.56 -7.68
C LEU A 127 21.04 10.80 -8.50
N ASP A 128 21.93 10.64 -9.47
CA ASP A 128 22.24 11.71 -10.47
C ASP A 128 20.92 12.22 -11.05
N PHE A 129 20.07 11.30 -11.49
CA PHE A 129 18.73 11.61 -12.07
C PHE A 129 17.88 12.35 -11.04
N ALA A 130 17.75 11.78 -9.83
CA ALA A 130 16.95 12.30 -8.71
C ALA A 130 17.29 13.77 -8.45
N PHE A 131 18.58 14.11 -8.43
CA PHE A 131 19.06 15.43 -7.95
C PHE A 131 19.27 16.42 -9.12
N GLU A 132 19.63 15.92 -10.31
CA GLU A 132 19.98 16.75 -11.48
C GLU A 132 18.74 16.99 -12.37
N ARG A 133 17.95 15.95 -12.64
CA ARG A 133 16.80 16.04 -13.56
C ARG A 133 15.51 16.34 -12.76
N LEU A 134 15.18 15.49 -11.80
CA LEU A 134 13.96 15.67 -10.96
C LEU A 134 14.16 16.82 -9.97
N ARG A 135 15.40 17.11 -9.57
CA ARG A 135 15.75 18.20 -8.63
C ARG A 135 15.02 17.97 -7.29
N LEU A 136 14.97 16.72 -6.82
CA LEU A 136 14.33 16.37 -5.52
C LEU A 136 15.17 16.95 -4.38
N PRO A 137 14.53 17.36 -3.25
CA PRO A 137 15.26 17.89 -2.10
C PRO A 137 16.10 16.80 -1.42
N GLU A 138 15.59 15.57 -1.43
CA GLU A 138 16.18 14.44 -0.66
C GLU A 138 15.72 13.11 -1.24
N VAL A 139 16.53 12.08 -1.05
CA VAL A 139 16.16 10.65 -1.33
C VAL A 139 16.50 9.83 -0.09
N VAL A 140 15.62 8.92 0.28
CA VAL A 140 15.83 8.03 1.46
C VAL A 140 16.08 6.61 0.96
N ALA A 141 16.55 5.76 1.85
CA ALA A 141 16.70 4.30 1.69
C ALA A 141 16.49 3.67 3.06
N PHE A 142 15.75 2.58 3.11
CA PHE A 142 15.51 1.84 4.38
C PHE A 142 15.72 0.35 4.12
N THR A 143 16.23 -0.34 5.14
CA THR A 143 16.56 -1.79 5.14
C THR A 143 16.57 -2.25 6.59
N THR A 144 16.73 -3.55 6.81
CA THR A 144 16.81 -4.16 8.15
C THR A 144 18.28 -4.16 8.59
N PRO A 145 18.56 -4.03 9.90
CA PRO A 145 19.93 -4.04 10.41
C PRO A 145 20.80 -5.21 9.95
N PRO A 146 20.29 -6.47 9.83
CA PRO A 146 21.13 -7.58 9.38
C PRO A 146 21.59 -7.46 7.92
N ASN A 147 20.89 -6.66 7.11
CA ASN A 147 21.11 -6.61 5.65
C ASN A 147 22.28 -5.65 5.38
N ARG A 148 23.49 -6.08 5.73
CA ARG A 148 24.71 -5.25 5.77
C ARG A 148 25.13 -4.88 4.35
N ARG A 149 24.96 -5.79 3.39
CA ARG A 149 25.26 -5.51 1.96
C ARG A 149 24.45 -4.28 1.53
N SER A 150 23.22 -4.13 2.02
CA SER A 150 22.29 -3.08 1.58
C SER A 150 22.64 -1.74 2.24
N TRP A 151 22.73 -1.66 3.57
CA TRP A 151 23.02 -0.37 4.26
C TRP A 151 24.52 -0.06 4.11
N GLY A 152 25.34 -1.06 3.79
CA GLY A 152 26.74 -0.86 3.41
C GLY A 152 26.85 -0.04 2.14
N LEU A 153 25.99 -0.33 1.16
CA LEU A 153 25.89 0.44 -0.12
C LEU A 153 25.35 1.85 0.17
N MET A 154 24.34 1.99 1.02
CA MET A 154 23.74 3.32 1.36
C MET A 154 24.83 4.24 1.92
N GLU A 155 25.68 3.76 2.82
CA GLU A 155 26.73 4.64 3.43
C GLU A 155 27.87 4.88 2.44
N ARG A 156 28.16 3.93 1.54
CA ARG A 156 29.21 4.11 0.51
C ARG A 156 28.71 5.09 -0.55
N LEU A 157 27.39 5.21 -0.74
CA LEU A 157 26.76 6.18 -1.67
C LEU A 157 26.81 7.60 -1.07
N GLY A 158 27.09 7.71 0.23
CA GLY A 158 27.18 9.01 0.93
C GLY A 158 25.90 9.31 1.70
N MET A 159 24.96 8.37 1.75
CA MET A 159 23.71 8.50 2.55
C MET A 159 24.11 8.29 4.01
N ARG A 160 23.41 8.92 4.95
CA ARG A 160 23.77 8.87 6.38
C ARG A 160 22.55 8.46 7.20
N ARG A 161 22.80 7.69 8.26
CA ARG A 161 21.73 7.16 9.14
C ARG A 161 21.75 7.91 10.47
N ASP A 162 20.57 8.33 10.94
CA ASP A 162 20.29 8.64 12.37
C ASP A 162 19.62 7.42 13.00
N PRO A 163 20.34 6.67 13.88
CA PRO A 163 19.74 5.53 14.60
C PRO A 163 18.42 5.84 15.32
N ALA A 164 18.22 7.12 15.69
CA ALA A 164 16.99 7.63 16.34
C ALA A 164 15.81 7.58 15.36
N GLU A 165 16.08 7.53 14.06
CA GLU A 165 15.03 7.53 13.00
C GLU A 165 14.67 6.09 12.59
N ASP A 166 15.21 5.08 13.29
CA ASP A 166 14.80 3.66 13.12
C ASP A 166 13.29 3.56 13.32
N PHE A 167 12.61 2.73 12.53
CA PHE A 167 11.13 2.66 12.50
C PHE A 167 10.64 1.23 12.22
N ASP A 168 9.40 0.95 12.66
CA ASP A 168 8.62 -0.28 12.36
C ASP A 168 7.89 -0.04 11.04
N HIS A 169 8.19 -0.83 10.01
CA HIS A 169 7.57 -0.71 8.67
C HIS A 169 6.05 -0.85 8.84
N PRO A 170 5.24 0.16 8.49
CA PRO A 170 3.80 0.14 8.80
C PRO A 170 2.95 -0.77 7.91
N LEU A 171 3.53 -1.34 6.85
CA LEU A 171 2.88 -2.32 5.94
C LEU A 171 3.31 -3.74 6.31
N LEU A 172 3.92 -3.90 7.48
CA LEU A 172 4.14 -5.21 8.15
C LEU A 172 3.39 -5.19 9.48
N ALA A 173 3.15 -6.36 10.08
CA ALA A 173 2.49 -6.55 11.39
C ALA A 173 3.31 -5.86 12.49
N ALA A 174 2.63 -5.46 13.57
CA ALA A 174 3.20 -4.79 14.75
C ALA A 174 4.25 -5.68 15.42
N ASP A 175 4.10 -7.01 15.32
CA ASP A 175 5.00 -8.02 15.94
C ASP A 175 5.73 -8.82 14.85
N HIS A 176 5.82 -8.29 13.63
CA HIS A 176 6.54 -8.94 12.51
C HIS A 176 8.02 -8.96 12.82
N PRO A 177 8.73 -10.08 12.67
CA PRO A 177 10.16 -10.14 13.01
C PRO A 177 11.05 -9.21 12.17
N MET A 178 10.61 -8.84 10.97
CA MET A 178 11.38 -7.99 10.01
C MET A 178 10.94 -6.52 10.11
N ARG A 179 10.04 -6.18 11.05
CA ARG A 179 9.37 -4.85 11.11
C ARG A 179 10.41 -3.73 11.26
N ARG A 180 11.48 -3.95 12.03
CA ARG A 180 12.44 -2.87 12.41
C ARG A 180 13.36 -2.56 11.22
N HIS A 181 13.22 -1.34 10.69
CA HIS A 181 14.00 -0.80 9.56
C HIS A 181 14.86 0.37 10.03
N ILE A 182 16.02 0.57 9.40
CA ILE A 182 16.89 1.73 9.65
C ILE A 182 16.78 2.68 8.46
N LEU A 183 16.84 3.99 8.70
CA LEU A 183 16.62 5.03 7.66
C LEU A 183 17.96 5.68 7.31
N TYR A 184 18.31 5.66 6.03
CA TYR A 184 19.40 6.47 5.44
C TYR A 184 18.79 7.59 4.61
N ARG A 185 19.43 8.74 4.63
CA ARG A 185 18.99 9.96 3.91
C ARG A 185 20.19 10.54 3.16
N VAL A 186 19.94 11.11 2.00
CA VAL A 186 20.92 12.01 1.30
C VAL A 186 20.11 13.16 0.68
N ASP A 187 20.52 14.40 0.94
CA ASP A 187 19.86 15.60 0.35
C ASP A 187 20.70 16.09 -0.84
N ALA A 188 20.13 17.02 -1.61
CA ALA A 188 20.74 17.58 -2.83
C ALA A 188 22.15 18.09 -2.51
N ALA A 189 22.28 18.77 -1.37
CA ALA A 189 23.52 19.42 -0.89
C ALA A 189 24.58 18.34 -0.63
N ARG A 190 24.25 17.34 0.19
CA ARG A 190 25.18 16.24 0.54
C ARG A 190 25.62 15.53 -0.74
N TRP A 191 24.68 15.28 -1.67
CA TRP A 191 24.94 14.53 -2.93
C TRP A 191 25.90 15.32 -3.82
N ALA A 192 25.63 16.61 -4.00
CA ALA A 192 26.45 17.54 -4.80
C ALA A 192 27.85 17.69 -4.20
N GLU A 193 28.00 17.47 -2.88
CA GLU A 193 29.25 17.75 -2.14
C GLU A 193 30.20 16.54 -2.20
N ARG A 194 29.74 15.37 -2.62
CA ARG A 194 30.62 14.18 -2.76
C ARG A 194 31.65 14.44 -3.86
N GLY B 1 12.02 1.14 -4.69
CA GLY B 1 13.04 0.06 -4.57
C GLY B 1 12.64 -1.03 -3.58
N HIS B 2 12.43 -0.68 -2.32
CA HIS B 2 11.98 -1.60 -1.25
C HIS B 2 10.49 -1.90 -1.49
N MET B 3 10.20 -2.90 -2.32
CA MET B 3 8.83 -3.20 -2.80
C MET B 3 8.08 -3.97 -1.70
N ASN B 4 6.82 -3.59 -1.45
CA ASN B 4 5.95 -4.30 -0.48
C ASN B 4 5.36 -5.53 -1.16
N ALA B 5 5.68 -6.74 -0.70
CA ALA B 5 5.21 -7.99 -1.33
C ALA B 5 4.71 -8.97 -0.27
N ASN B 6 3.61 -8.64 0.42
CA ASN B 6 3.03 -9.53 1.46
C ASN B 6 1.60 -9.93 1.09
N LEU B 7 1.04 -9.46 -0.04
CA LEU B 7 -0.40 -9.64 -0.39
C LEU B 7 -0.60 -10.31 -1.76
N PRO B 8 -0.92 -11.62 -1.73
CA PRO B 8 -1.44 -12.42 -2.85
C PRO B 8 -2.96 -12.48 -3.02
N PRO B 9 -3.50 -12.11 -4.22
CA PRO B 9 -4.93 -12.18 -4.53
C PRO B 9 -5.63 -13.56 -4.42
N SER B 10 -4.99 -14.61 -4.93
CA SER B 10 -5.53 -16.00 -4.91
C SER B 10 -5.64 -16.55 -3.48
N ALA B 11 -4.72 -16.18 -2.59
CA ALA B 11 -4.68 -16.63 -1.18
C ALA B 11 -5.94 -16.15 -0.44
N ILE B 12 -6.33 -14.89 -0.61
CA ILE B 12 -7.46 -14.26 0.15
C ILE B 12 -8.80 -14.83 -0.38
N SER B 13 -9.59 -15.43 0.51
CA SER B 13 -10.93 -16.02 0.20
C SER B 13 -11.92 -14.90 -0.15
N GLU B 14 -12.65 -15.08 -1.26
CA GLU B 14 -13.66 -14.11 -1.76
C GLU B 14 -15.01 -14.42 -1.08
N LEU B 15 -15.82 -13.37 -0.87
CA LEU B 15 -17.18 -13.46 -0.28
C LEU B 15 -18.20 -13.14 -1.38
N HIS B 16 -19.31 -13.88 -1.42
CA HIS B 16 -20.35 -13.75 -2.48
C HIS B 16 -21.69 -13.31 -1.86
N GLY B 17 -22.33 -12.34 -2.51
CA GLY B 17 -23.72 -11.92 -2.25
C GLY B 17 -24.58 -12.15 -3.48
N PRO B 18 -25.92 -11.98 -3.38
CA PRO B 18 -26.78 -12.15 -4.57
C PRO B 18 -26.21 -11.46 -5.81
N ARG B 19 -25.73 -10.23 -5.65
CA ARG B 19 -25.29 -9.34 -6.77
C ARG B 19 -23.78 -9.08 -6.66
N LEU B 20 -23.23 -9.05 -5.45
CA LEU B 20 -21.85 -8.56 -5.23
C LEU B 20 -20.86 -9.72 -5.07
N LEU B 21 -19.65 -9.48 -5.54
CA LEU B 21 -18.45 -10.28 -5.23
C LEU B 21 -17.50 -9.40 -4.42
N LEU B 22 -17.22 -9.78 -3.17
CA LEU B 22 -16.22 -9.11 -2.31
C LEU B 22 -14.90 -9.85 -2.46
N ARG B 23 -13.91 -9.21 -3.07
CA ARG B 23 -12.65 -9.88 -3.48
C ARG B 23 -11.46 -9.04 -3.05
N ALA B 24 -10.28 -9.66 -3.08
CA ALA B 24 -8.98 -8.97 -2.96
C ALA B 24 -8.89 -7.93 -4.07
N TRP B 25 -8.22 -6.82 -3.77
CA TRP B 25 -7.91 -5.73 -4.72
C TRP B 25 -7.00 -6.24 -5.84
N ARG B 26 -7.11 -5.64 -7.03
CA ARG B 26 -6.23 -5.89 -8.20
C ARG B 26 -5.63 -4.55 -8.63
N ASP B 27 -4.55 -4.58 -9.41
CA ASP B 27 -3.92 -3.38 -9.99
C ASP B 27 -4.99 -2.54 -10.69
N SER B 28 -5.80 -3.18 -11.55
CA SER B 28 -6.86 -2.54 -12.37
C SER B 28 -7.81 -1.70 -11.50
N ASP B 29 -8.01 -2.09 -10.23
CA ASP B 29 -8.88 -1.38 -9.28
C ASP B 29 -8.35 0.02 -8.97
N ARG B 30 -7.02 0.22 -8.97
CA ARG B 30 -6.39 1.48 -8.48
C ARG B 30 -6.91 2.68 -9.29
N GLU B 31 -7.06 2.56 -10.60
CA GLU B 31 -7.56 3.64 -11.49
C GLU B 31 -8.97 4.03 -11.05
N ALA B 32 -9.86 3.04 -10.93
CA ALA B 32 -11.30 3.21 -10.62
C ALA B 32 -11.44 3.80 -9.21
N PHE B 33 -10.63 3.33 -8.27
CA PHE B 33 -10.70 3.80 -6.86
C PHE B 33 -10.17 5.24 -6.77
N ALA B 34 -9.13 5.58 -7.53
CA ALA B 34 -8.53 6.94 -7.57
C ALA B 34 -9.58 7.98 -7.98
N GLU B 35 -10.41 7.70 -9.00
CA GLU B 35 -11.47 8.64 -9.47
C GLU B 35 -12.54 8.79 -8.38
N MET B 36 -12.78 7.73 -7.61
CA MET B 36 -13.72 7.74 -6.46
C MET B 36 -13.17 8.65 -5.36
N CYS B 37 -11.87 8.55 -5.10
CA CYS B 37 -11.18 9.30 -4.02
C CYS B 37 -11.06 10.78 -4.41
N ALA B 38 -11.14 11.08 -5.71
CA ALA B 38 -11.06 12.44 -6.27
C ALA B 38 -12.47 13.03 -6.44
N ASP B 39 -13.51 12.21 -6.23
CA ASP B 39 -14.93 12.60 -6.43
C ASP B 39 -15.43 13.33 -5.19
N PRO B 40 -15.76 14.64 -5.28
CA PRO B 40 -16.22 15.40 -4.12
C PRO B 40 -17.54 14.90 -3.53
N GLN B 41 -18.38 14.24 -4.32
CA GLN B 41 -19.65 13.62 -3.82
C GLN B 41 -19.33 12.39 -2.96
N VAL B 42 -18.30 11.62 -3.33
CA VAL B 42 -17.85 10.42 -2.55
C VAL B 42 -17.19 10.90 -1.25
N MET B 43 -16.37 11.94 -1.33
CA MET B 43 -15.49 12.40 -0.23
C MET B 43 -16.09 13.59 0.55
N GLU B 44 -17.40 13.84 0.39
CA GLU B 44 -18.06 15.07 0.90
C GLU B 44 -17.85 15.21 2.42
N PHE B 45 -17.97 14.12 3.18
CA PHE B 45 -18.00 14.15 4.66
C PHE B 45 -16.63 13.75 5.22
N PHE B 46 -15.65 13.58 4.34
CA PHE B 46 -14.23 13.35 4.70
C PHE B 46 -13.53 14.70 4.72
N PRO B 47 -12.36 14.83 5.40
CA PRO B 47 -11.62 16.10 5.44
C PRO B 47 -11.35 16.75 4.06
N SER B 48 -11.07 15.95 3.04
CA SER B 48 -10.76 16.42 1.67
C SER B 48 -10.82 15.26 0.66
N VAL B 49 -10.80 15.60 -0.64
CA VAL B 49 -10.58 14.61 -1.74
C VAL B 49 -9.12 14.15 -1.69
N LEU B 50 -8.82 13.00 -2.29
CA LEU B 50 -7.44 12.44 -2.34
C LEU B 50 -6.91 12.49 -3.77
N ASP B 51 -5.62 12.77 -3.91
CA ASP B 51 -4.87 12.66 -5.19
C ASP B 51 -4.55 11.18 -5.42
N ARG B 52 -3.98 10.84 -6.59
CA ARG B 52 -3.66 9.44 -6.97
C ARG B 52 -2.72 8.80 -5.93
N ALA B 53 -1.63 9.50 -5.56
CA ALA B 53 -0.64 9.04 -4.56
C ALA B 53 -1.33 8.64 -3.25
N GLN B 54 -2.21 9.50 -2.73
CA GLN B 54 -2.97 9.27 -1.47
C GLN B 54 -3.89 8.05 -1.62
N SER B 55 -4.59 7.92 -2.76
CA SER B 55 -5.52 6.80 -3.02
CA SER B 55 -5.53 6.79 -3.01
C SER B 55 -4.73 5.48 -3.03
N ASP B 56 -3.53 5.50 -3.62
CA ASP B 56 -2.65 4.30 -3.75
C ASP B 56 -2.16 3.89 -2.35
N ALA B 57 -1.76 4.87 -1.53
CA ALA B 57 -1.38 4.66 -0.11
C ALA B 57 -2.49 3.91 0.63
N LEU B 58 -3.75 4.32 0.42
CA LEU B 58 -4.93 3.70 1.07
C LEU B 58 -5.02 2.24 0.66
N VAL B 59 -4.80 1.95 -0.62
CA VAL B 59 -4.89 0.57 -1.19
C VAL B 59 -3.74 -0.26 -0.61
N ASP B 60 -2.55 0.32 -0.49
CA ASP B 60 -1.36 -0.37 0.11
C ASP B 60 -1.71 -0.80 1.54
N ARG B 61 -2.30 0.11 2.35
CA ARG B 61 -2.77 -0.18 3.73
C ARG B 61 -3.74 -1.35 3.72
N VAL B 62 -4.67 -1.36 2.75
CA VAL B 62 -5.68 -2.45 2.60
C VAL B 62 -4.97 -3.77 2.31
N GLN B 63 -4.03 -3.79 1.36
CA GLN B 63 -3.33 -5.03 0.95
C GLN B 63 -2.52 -5.56 2.15
N ALA B 64 -1.86 -4.66 2.88
CA ALA B 64 -1.09 -4.97 4.11
C ALA B 64 -2.03 -5.53 5.17
N HIS B 65 -3.25 -4.98 5.29
CA HIS B 65 -4.25 -5.49 6.25
C HIS B 65 -4.62 -6.93 5.87
N PHE B 66 -4.89 -7.20 4.59
CA PHE B 66 -5.23 -8.55 4.06
C PHE B 66 -4.07 -9.52 4.29
N ALA B 67 -2.82 -9.07 4.08
CA ALA B 67 -1.61 -9.91 4.26
C ALA B 67 -1.52 -10.35 5.73
N GLU B 68 -1.71 -9.42 6.67
CA GLU B 68 -1.55 -9.68 8.12
C GLU B 68 -2.75 -10.46 8.68
N ARG B 69 -3.98 -10.11 8.28
CA ARG B 69 -5.23 -10.50 9.01
C ARG B 69 -6.08 -11.51 8.21
N GLY B 70 -5.90 -11.57 6.88
CA GLY B 70 -6.67 -12.46 6.00
C GLY B 70 -8.06 -11.91 5.69
N TYR B 71 -8.40 -10.74 6.23
CA TYR B 71 -9.60 -9.97 5.87
C TYR B 71 -9.21 -8.49 5.77
N GLY B 72 -10.12 -7.69 5.26
CA GLY B 72 -9.90 -6.26 5.01
C GLY B 72 -11.13 -5.64 4.38
N PRO B 73 -11.06 -4.38 3.91
CA PRO B 73 -12.12 -3.81 3.10
C PRO B 73 -12.03 -4.40 1.69
N TRP B 74 -12.93 -5.33 1.38
CA TRP B 74 -12.93 -6.04 0.08
C TRP B 74 -13.28 -5.05 -1.03
N ALA B 75 -12.65 -5.19 -2.19
CA ALA B 75 -13.09 -4.55 -3.44
C ALA B 75 -14.44 -5.15 -3.84
N LEU B 76 -15.42 -4.29 -4.20
CA LEU B 76 -16.78 -4.74 -4.59
C LEU B 76 -16.84 -4.89 -6.11
N GLU B 77 -17.01 -6.13 -6.58
CA GLU B 77 -17.28 -6.43 -8.00
C GLU B 77 -18.79 -6.66 -8.12
N LEU B 78 -19.36 -6.20 -9.23
CA LEU B 78 -20.77 -6.46 -9.56
C LEU B 78 -20.82 -7.36 -10.79
N PRO B 79 -20.73 -8.70 -10.62
CA PRO B 79 -20.74 -9.62 -11.76
C PRO B 79 -21.93 -9.32 -12.68
N GLY B 80 -21.65 -9.24 -13.98
CA GLY B 80 -22.64 -8.93 -15.03
C GLY B 80 -22.87 -7.44 -15.18
N GLU B 81 -22.11 -6.60 -14.48
CA GLU B 81 -22.31 -5.13 -14.55
C GLU B 81 -20.96 -4.40 -14.56
N ALA B 82 -20.21 -4.44 -13.45
CA ALA B 82 -18.95 -3.68 -13.32
C ALA B 82 -17.91 -4.44 -12.51
N ALA B 83 -16.63 -4.24 -12.84
CA ALA B 83 -15.50 -4.94 -12.19
C ALA B 83 -15.25 -4.33 -10.81
N PHE B 84 -15.44 -3.01 -10.64
CA PHE B 84 -15.14 -2.31 -9.37
C PHE B 84 -16.13 -1.16 -9.14
N ILE B 85 -16.89 -1.22 -8.05
CA ILE B 85 -17.85 -0.13 -7.69
C ILE B 85 -17.47 0.47 -6.34
N GLY B 86 -16.36 0.02 -5.75
CA GLY B 86 -15.81 0.56 -4.50
C GLY B 86 -15.41 -0.54 -3.55
N PHE B 87 -15.44 -0.28 -2.24
CA PHE B 87 -15.06 -1.28 -1.21
C PHE B 87 -16.13 -1.30 -0.10
N THR B 88 -16.20 -2.44 0.58
CA THR B 88 -16.88 -2.63 1.87
C THR B 88 -16.19 -3.76 2.61
N GLY B 89 -15.92 -3.58 3.91
CA GLY B 89 -15.47 -4.69 4.75
C GLY B 89 -14.82 -4.20 6.02
N LEU B 90 -13.97 -5.05 6.60
CA LEU B 90 -13.59 -4.99 8.03
C LEU B 90 -12.14 -4.51 8.14
N PHE B 91 -11.89 -3.64 9.11
CA PHE B 91 -10.55 -3.08 9.43
C PHE B 91 -10.38 -3.11 10.94
N ASP B 92 -9.23 -3.58 11.42
CA ASP B 92 -8.89 -3.62 12.86
C ASP B 92 -8.71 -2.16 13.32
N VAL B 93 -9.29 -1.81 14.47
CA VAL B 93 -9.19 -0.45 15.07
C VAL B 93 -8.07 -0.53 16.12
N THR B 94 -6.96 0.15 15.84
CA THR B 94 -5.77 0.20 16.74
C THR B 94 -5.54 1.63 17.23
N MET B 95 -6.22 2.63 16.64
CA MET B 95 -6.03 4.07 17.00
C MET B 95 -6.53 4.33 18.42
N ASP B 96 -6.12 5.46 19.01
CA ASP B 96 -6.33 5.79 20.45
C ASP B 96 -7.74 6.35 20.62
N VAL B 97 -8.73 5.45 20.66
CA VAL B 97 -10.18 5.74 20.87
C VAL B 97 -10.72 4.85 22.00
N HIS B 98 -11.82 5.26 22.63
CA HIS B 98 -12.39 4.59 23.84
C HIS B 98 -12.84 3.15 23.51
N PHE B 99 -13.07 2.83 22.23
CA PHE B 99 -13.65 1.53 21.76
C PHE B 99 -12.59 0.64 21.11
N ALA B 100 -11.32 1.03 21.11
CA ALA B 100 -10.18 0.20 20.64
C ALA B 100 -9.71 -0.70 21.78
N PRO B 101 -9.13 -1.90 21.49
CA PRO B 101 -9.12 -2.47 20.15
C PRO B 101 -10.48 -3.09 19.79
N THR B 102 -10.81 -3.10 18.50
CA THR B 102 -12.04 -3.73 17.95
C THR B 102 -11.87 -3.82 16.43
N VAL B 103 -12.93 -4.21 15.73
CA VAL B 103 -13.00 -4.31 14.25
C VAL B 103 -14.08 -3.32 13.79
N GLU B 104 -13.76 -2.47 12.81
CA GLU B 104 -14.73 -1.53 12.19
C GLU B 104 -15.16 -2.09 10.83
N ILE B 105 -16.40 -1.78 10.44
CA ILE B 105 -16.91 -1.99 9.06
C ILE B 105 -16.97 -0.61 8.41
N GLY B 106 -16.47 -0.53 7.17
CA GLY B 106 -16.47 0.72 6.37
C GLY B 106 -16.90 0.41 4.95
N TRP B 107 -17.36 1.45 4.24
CA TRP B 107 -17.90 1.32 2.86
C TRP B 107 -17.71 2.62 2.12
N ARG B 108 -17.57 2.49 0.81
CA ARG B 108 -17.38 3.61 -0.15
C ARG B 108 -17.82 3.07 -1.51
N LEU B 109 -18.86 3.66 -2.08
CA LEU B 109 -19.43 3.26 -3.39
C LEU B 109 -19.33 4.46 -4.34
N ALA B 110 -18.99 4.20 -5.61
CA ALA B 110 -19.11 5.20 -6.69
C ALA B 110 -20.56 5.69 -6.73
N PRO B 111 -20.82 7.00 -6.92
CA PRO B 111 -22.16 7.58 -6.79
C PRO B 111 -23.23 6.94 -7.69
N ALA B 112 -22.84 6.41 -8.85
CA ALA B 112 -23.78 5.79 -9.83
C ALA B 112 -24.49 4.59 -9.19
N TYR B 113 -23.88 3.99 -8.16
CA TYR B 113 -24.33 2.71 -7.54
C TYR B 113 -25.05 2.95 -6.21
N TRP B 114 -25.28 4.22 -5.84
CA TRP B 114 -26.07 4.58 -4.63
C TRP B 114 -27.55 4.31 -4.89
N GLY B 115 -28.34 4.04 -3.85
CA GLY B 115 -29.81 3.94 -3.95
C GLY B 115 -30.25 2.58 -4.46
N ARG B 116 -29.36 1.58 -4.44
CA ARG B 116 -29.59 0.23 -5.04
C ARG B 116 -29.52 -0.86 -3.97
N GLY B 117 -29.20 -0.52 -2.72
CA GLY B 117 -29.04 -1.52 -1.65
C GLY B 117 -27.72 -2.28 -1.77
N LEU B 118 -26.78 -1.78 -2.56
CA LEU B 118 -25.49 -2.49 -2.83
C LEU B 118 -24.56 -2.39 -1.64
N ALA B 119 -24.46 -1.22 -1.02
CA ALA B 119 -23.71 -1.03 0.24
C ALA B 119 -24.33 -1.89 1.34
N ARG B 120 -25.66 -1.92 1.44
CA ARG B 120 -26.41 -2.79 2.37
C ARG B 120 -25.99 -4.25 2.17
N GLU B 121 -26.05 -4.74 0.92
CA GLU B 121 -25.78 -6.15 0.54
C GLU B 121 -24.31 -6.47 0.86
N ALA B 122 -23.38 -5.61 0.45
CA ALA B 122 -21.93 -5.74 0.75
C ALA B 122 -21.73 -5.84 2.26
N ALA B 123 -22.34 -4.93 3.02
CA ALA B 123 -22.17 -4.81 4.48
C ALA B 123 -22.69 -6.08 5.15
N GLU B 124 -23.84 -6.59 4.71
CA GLU B 124 -24.45 -7.84 5.25
C GLU B 124 -23.53 -9.03 4.97
N THR B 125 -22.88 -9.07 3.82
CA THR B 125 -21.91 -10.12 3.42
C THR B 125 -20.65 -10.05 4.30
N ALA B 126 -20.12 -8.86 4.50
CA ALA B 126 -18.95 -8.59 5.38
C ALA B 126 -19.31 -8.97 6.84
N LEU B 127 -20.53 -8.69 7.31
CA LEU B 127 -20.91 -8.95 8.73
C LEU B 127 -21.20 -10.45 8.93
N ASP B 128 -21.81 -11.10 7.95
CA ASP B 128 -21.98 -12.58 7.91
C ASP B 128 -20.61 -13.21 8.16
N PHE B 129 -19.61 -12.76 7.42
CA PHE B 129 -18.20 -13.23 7.52
C PHE B 129 -17.68 -12.97 8.95
N ALA B 130 -17.78 -11.72 9.41
CA ALA B 130 -17.30 -11.25 10.72
C ALA B 130 -17.81 -12.17 11.82
N PHE B 131 -19.10 -12.53 11.79
CA PHE B 131 -19.78 -13.20 12.93
C PHE B 131 -19.82 -14.71 12.75
N GLU B 132 -19.85 -15.21 11.51
CA GLU B 132 -20.00 -16.67 11.21
C GLU B 132 -18.62 -17.33 11.03
N ARG B 133 -17.70 -16.68 10.31
CA ARG B 133 -16.38 -17.27 9.98
C ARG B 133 -15.34 -16.82 11.01
N LEU B 134 -15.14 -15.50 11.17
CA LEU B 134 -14.17 -14.94 12.14
C LEU B 134 -14.68 -15.12 13.58
N ARG B 135 -16.00 -15.16 13.77
CA ARG B 135 -16.64 -15.30 15.11
C ARG B 135 -16.19 -14.15 16.02
N LEU B 136 -16.14 -12.93 15.49
CA LEU B 136 -15.81 -11.70 16.27
C LEU B 136 -16.91 -11.44 17.30
N PRO B 137 -16.58 -10.88 18.49
CA PRO B 137 -17.60 -10.56 19.48
C PRO B 137 -18.47 -9.37 19.02
N GLU B 138 -17.86 -8.43 18.30
CA GLU B 138 -18.52 -7.14 17.95
C GLU B 138 -17.84 -6.50 16.73
N VAL B 139 -18.61 -5.73 15.97
CA VAL B 139 -18.08 -4.84 14.89
C VAL B 139 -18.61 -3.43 15.13
N VAL B 140 -17.78 -2.41 14.92
CA VAL B 140 -18.20 -1.00 15.09
C VAL B 140 -18.23 -0.33 13.71
N ALA B 141 -18.82 0.85 13.65
CA ALA B 141 -18.81 1.77 12.50
C ALA B 141 -18.91 3.19 13.04
N PHE B 142 -18.15 4.12 12.49
CA PHE B 142 -18.17 5.54 12.92
C PHE B 142 -18.21 6.44 11.68
N THR B 143 -18.86 7.59 11.82
CA THR B 143 -19.08 8.59 10.75
C THR B 143 -19.43 9.92 11.42
N THR B 144 -19.58 10.98 10.64
CA THR B 144 -19.94 12.33 11.13
C THR B 144 -21.46 12.46 11.07
N PRO B 145 -22.08 13.22 11.99
CA PRO B 145 -23.53 13.41 11.98
C PRO B 145 -24.14 13.83 10.64
N PRO B 146 -23.51 14.72 9.83
CA PRO B 146 -24.11 15.12 8.55
C PRO B 146 -24.19 13.98 7.52
N ASN B 147 -23.36 12.94 7.69
CA ASN B 147 -23.24 11.85 6.69
C ASN B 147 -24.38 10.85 6.92
N ARG B 148 -25.59 11.27 6.60
CA ARG B 148 -26.85 10.53 6.92
C ARG B 148 -26.94 9.25 6.10
N ARG B 149 -26.47 9.27 4.85
CA ARG B 149 -26.40 8.07 3.98
C ARG B 149 -25.61 6.96 4.70
N SER B 150 -24.57 7.33 5.45
CA SER B 150 -23.64 6.36 6.09
C SER B 150 -24.24 5.83 7.38
N TRP B 151 -24.66 6.68 8.33
CA TRP B 151 -25.22 6.18 9.62
C TRP B 151 -26.65 5.69 9.38
N GLY B 152 -27.29 6.10 8.29
CA GLY B 152 -28.58 5.53 7.86
C GLY B 152 -28.43 4.05 7.53
N LEU B 153 -27.34 3.70 6.85
CA LEU B 153 -27.00 2.29 6.51
C LEU B 153 -26.67 1.51 7.80
N MET B 154 -25.89 2.11 8.70
CA MET B 154 -25.49 1.46 9.99
C MET B 154 -26.75 1.03 10.75
N GLU B 155 -27.76 1.91 10.87
CA GLU B 155 -28.98 1.58 11.68
C GLU B 155 -29.87 0.59 10.90
N ARG B 156 -29.88 0.64 9.56
CA ARG B 156 -30.68 -0.30 8.73
C ARG B 156 -30.02 -1.69 8.77
N LEU B 157 -28.71 -1.75 9.00
CA LEU B 157 -27.95 -3.04 9.18
C LEU B 157 -28.25 -3.65 10.54
N GLY B 158 -28.84 -2.87 11.47
CA GLY B 158 -29.18 -3.35 12.82
C GLY B 158 -28.14 -2.91 13.85
N MET B 159 -27.16 -2.09 13.43
CA MET B 159 -26.16 -1.51 14.37
C MET B 159 -26.87 -0.40 15.15
N ARG B 160 -26.44 -0.12 16.38
CA ARG B 160 -27.14 0.84 17.27
C ARG B 160 -26.13 1.81 17.84
N ARG B 161 -26.55 3.06 18.00
CA ARG B 161 -25.70 4.18 18.47
C ARG B 161 -26.10 4.55 19.91
N ASP B 162 -25.09 4.71 20.76
CA ASP B 162 -25.17 5.48 22.03
C ASP B 162 -24.60 6.87 21.78
N PRO B 163 -25.45 7.94 21.71
CA PRO B 163 -24.97 9.31 21.56
C PRO B 163 -23.89 9.74 22.58
N ALA B 164 -23.88 9.10 23.76
CA ALA B 164 -22.86 9.29 24.82
C ALA B 164 -21.48 8.80 24.37
N GLU B 165 -21.43 7.94 23.34
CA GLU B 165 -20.18 7.34 22.84
C GLU B 165 -19.62 8.15 21.65
N ASP B 166 -20.25 9.29 21.32
CA ASP B 166 -19.72 10.28 20.36
C ASP B 166 -18.29 10.63 20.77
N PHE B 167 -17.38 10.81 19.80
CA PHE B 167 -15.94 11.02 20.08
C PHE B 167 -15.31 11.93 19.01
N ASP B 168 -14.22 12.60 19.40
CA ASP B 168 -13.33 13.38 18.51
C ASP B 168 -12.31 12.42 17.90
N HIS B 169 -12.31 12.28 16.57
CA HIS B 169 -11.38 11.38 15.84
C HIS B 169 -9.96 11.80 16.19
N PRO B 170 -9.13 10.91 16.80
CA PRO B 170 -7.81 11.31 17.29
C PRO B 170 -6.73 11.54 16.22
N LEU B 171 -6.99 11.17 14.98
CA LEU B 171 -6.08 11.38 13.81
C LEU B 171 -6.53 12.63 13.03
N LEU B 172 -7.40 13.44 13.63
CA LEU B 172 -7.73 14.82 13.17
C LEU B 172 -7.33 15.79 14.28
N ALA B 173 -7.19 17.08 13.92
CA ALA B 173 -6.85 18.18 14.85
C ALA B 173 -7.94 18.33 15.91
N ALA B 174 -7.56 18.85 17.08
CA ALA B 174 -8.45 19.07 18.25
C ALA B 174 -9.56 20.05 17.90
N ASP B 175 -9.32 20.97 16.96
CA ASP B 175 -10.30 21.99 16.51
C ASP B 175 -10.71 21.74 15.06
N HIS B 176 -10.53 20.53 14.54
CA HIS B 176 -10.91 20.15 13.16
C HIS B 176 -12.44 20.17 13.06
N PRO B 177 -13.04 20.78 12.02
CA PRO B 177 -14.50 20.88 11.94
C PRO B 177 -15.20 19.50 11.82
N MET B 178 -14.49 18.50 11.30
CA MET B 178 -15.03 17.13 11.05
C MET B 178 -14.68 16.17 12.20
N ARG B 179 -14.08 16.68 13.28
CA ARG B 179 -13.50 15.84 14.38
C ARG B 179 -14.59 14.98 15.01
N ARG B 180 -15.80 15.51 15.19
CA ARG B 180 -16.88 14.84 15.97
C ARG B 180 -17.49 13.70 15.15
N HIS B 181 -17.29 12.47 15.63
CA HIS B 181 -17.80 11.21 15.03
C HIS B 181 -18.83 10.57 15.97
N ILE B 182 -19.78 9.83 15.40
CA ILE B 182 -20.79 9.06 16.18
C ILE B 182 -20.46 7.58 16.02
N LEU B 183 -20.64 6.79 17.08
CA LEU B 183 -20.25 5.35 17.09
C LEU B 183 -21.49 4.48 17.03
N TYR B 184 -21.55 3.58 16.05
CA TYR B 184 -22.52 2.47 15.98
C TYR B 184 -21.79 1.16 16.31
N ARG B 185 -22.50 0.25 16.95
CA ARG B 185 -21.98 -1.07 17.37
C ARG B 185 -23.01 -2.13 16.99
N VAL B 186 -22.53 -3.33 16.68
CA VAL B 186 -23.37 -4.55 16.58
C VAL B 186 -22.55 -5.72 17.12
N ASP B 187 -23.10 -6.50 18.04
CA ASP B 187 -22.43 -7.70 18.60
C ASP B 187 -23.01 -8.94 17.91
N ALA B 188 -22.37 -10.09 18.14
CA ALA B 188 -22.74 -11.39 17.52
C ALA B 188 -24.22 -11.68 17.79
N ALA B 189 -24.66 -11.41 19.02
CA ALA B 189 -26.04 -11.65 19.51
C ALA B 189 -27.03 -10.80 18.72
N ARG B 190 -26.80 -9.49 18.67
CA ARG B 190 -27.69 -8.54 17.96
C ARG B 190 -27.75 -8.93 16.48
N TRP B 191 -26.62 -9.31 15.89
CA TRP B 191 -26.54 -9.66 14.44
C TRP B 191 -27.34 -10.94 14.15
N ALA B 192 -27.16 -11.96 14.98
CA ALA B 192 -27.85 -13.26 14.87
C ALA B 192 -29.37 -13.08 15.09
N GLU B 193 -29.78 -12.05 15.82
CA GLU B 193 -31.19 -11.84 16.25
C GLU B 193 -31.96 -11.08 15.17
N ARG B 194 -31.28 -10.61 14.12
CA ARG B 194 -31.97 -9.92 12.99
C ARG B 194 -32.71 -10.97 12.14
C ACT C . 15.30 -5.36 4.03
O ACT C . 16.52 -5.45 4.34
OXT ACT C . 14.58 -4.39 4.35
CH3 ACT C . 14.67 -6.49 3.24
ZN ZN D . 12.51 -4.43 4.51
N1A COA E . 32.87 -0.06 -7.50
C2A COA E . 32.39 -0.42 -6.31
N3A COA E . 32.52 -1.56 -5.64
C4A COA E . 33.29 -2.41 -6.33
C5A COA E . 33.88 -2.19 -7.56
C6A COA E . 33.66 -0.94 -8.17
N6A COA E . 34.14 -0.61 -9.36
N7A COA E . 34.60 -3.31 -7.96
C8A COA E . 34.44 -4.17 -6.99
N9A COA E . 33.68 -3.68 -5.96
C1B COA E . 33.27 -4.43 -4.80
C2B COA E . 33.38 -3.77 -3.43
O2B COA E . 34.65 -3.93 -2.85
C3B COA E . 32.36 -4.62 -2.65
O3B COA E . 32.92 -5.90 -2.35
P3B COA E . 32.33 -6.59 -1.01
O7A COA E . 32.90 -5.79 0.15
O8A COA E . 32.82 -8.02 -1.02
O9A COA E . 30.82 -6.49 -1.08
C4B COA E . 31.24 -4.73 -3.67
O4B COA E . 31.91 -4.72 -4.96
C5B COA E . 30.23 -3.61 -3.60
O5B COA E . 29.38 -3.67 -4.77
P1A COA E . 28.05 -2.76 -4.75
O1A COA E . 27.54 -2.58 -6.14
O2A COA E . 28.33 -1.52 -3.94
O3A COA E . 27.05 -3.70 -3.93
P2A COA E . 26.73 -5.27 -3.99
O4A COA E . 27.15 -5.91 -2.71
O5A COA E . 27.19 -5.82 -5.29
O6A COA E . 25.11 -5.26 -4.00
CBP COA E . 22.95 -5.38 -2.90
CCP COA E . 24.39 -4.89 -2.80
CDP COA E . 22.20 -5.02 -1.62
CEP COA E . 22.28 -4.67 -4.08
CAP COA E . 22.91 -6.91 -3.13
OAP COA E . 23.58 -7.57 -2.05
C9P COA E . 21.51 -7.47 -3.27
O9P COA E . 20.92 -7.36 -4.35
N8P COA E . 20.98 -8.07 -2.22
C7P COA E . 19.68 -8.72 -2.24
C6P COA E . 18.55 -7.75 -2.44
C5P COA E . 18.41 -6.80 -1.26
O5P COA E . 18.44 -7.20 -0.10
N4P COA E . 18.26 -5.50 -1.55
C3P COA E . 18.06 -4.48 -0.55
C2P COA E . 16.59 -4.30 -0.24
S1P COA E . 16.36 -3.25 1.22
UNK UNX F . 15.70 -1.51 -1.46
UNK UNX G . 17.73 0.12 -0.41
C ACT H . -17.25 10.54 7.67
O ACT H . -16.77 10.36 8.81
OXT ACT H . -18.46 10.68 7.45
CH3 ACT H . -16.31 10.58 6.46
ZN ZN I . -14.80 10.47 9.49
N1A COA J . -32.01 -3.18 -0.79
C2A COA J . -31.75 -2.13 -0.02
N3A COA J . -31.92 -0.83 -0.27
C4A COA J . -32.45 -0.65 -1.49
C5A COA J . -32.79 -1.64 -2.38
C6A COA J . -32.56 -2.97 -2.01
N6A COA J . -32.82 -4.01 -2.79
N7A COA J . -33.31 -1.09 -3.55
C8A COA J . -33.26 0.21 -3.35
N9A COA J . -32.77 0.52 -2.10
C1B COA J . -32.54 1.87 -1.62
C2B COA J . -32.91 2.23 -0.19
O2B COA J . -34.29 2.49 -0.05
C3B COA J . -32.10 3.52 -0.04
O3B COA J . -32.86 4.57 -0.66
P3B COA J . -32.36 6.09 -0.38
O7A COA J . -30.93 6.04 0.13
O8A COA J . -32.47 6.80 -1.72
O9A COA J . -33.33 6.63 0.65
C4B COA J . -30.82 3.22 -0.84
O4B COA J . -31.15 2.08 -1.67
C5B COA J . -29.59 2.99 -0.01
O5B COA J . -28.96 1.70 -0.32
P1A COA J . -27.75 1.22 0.65
O1A COA J . -26.98 0.16 -0.05
O2A COA J . -28.31 0.88 1.98
O3A COA J . -26.86 2.55 0.76
P2A COA J . -26.40 3.69 -0.25
O4A COA J . -26.52 3.21 -1.66
O5A COA J . -27.07 4.99 0.10
O6A COA J . -24.84 3.82 0.09
CBP COA J . -22.97 4.80 1.29
CCP COA J . -24.44 4.41 1.36
CDP COA J . -22.56 5.45 2.62
CEP COA J . -22.13 3.53 1.08
CAP COA J . -22.73 5.79 0.14
OAP COA J . -23.63 6.90 0.26
C9P COA J . -21.31 6.32 0.00
O9P COA J . -20.45 5.62 -0.53
N8P COA J . -21.08 7.55 0.43
C7P COA J . -19.79 8.22 0.33
C6P COA J . -18.71 7.50 1.12
C5P COA J . -18.92 7.58 2.62
O5P COA J . -19.42 8.57 3.14
N4P COA J . -18.52 6.53 3.35
C3P COA J . -18.30 6.55 4.79
C2P COA J . -18.64 5.24 5.46
S1P COA J . -17.22 4.13 5.71
C1 EDO K . -10.72 6.99 6.42
O1 EDO K . -11.83 6.13 6.38
C2 EDO K . -9.42 6.27 6.50
O2 EDO K . -8.30 7.13 6.64
#